data_9UCE
#
_entry.id   9UCE
#
_cell.length_a   91.500
_cell.length_b   91.500
_cell.length_c   167.000
_cell.angle_alpha   90.000
_cell.angle_beta   90.000
_cell.angle_gamma   90.000
#
_symmetry.space_group_name_H-M   'P 43 21 2'
#
loop_
_entity.id
_entity.type
_entity.pdbx_description
1 polymer Glycosyltransferase
2 non-polymer 'CHLORIDE ION'
3 non-polymer 'SULFATE ION'
4 non-polymer "URIDINE-5'-DIPHOSPHATE"
5 water water
#
_entity_poly.entity_id   1
_entity_poly.type   'polypeptide(L)'
_entity_poly.pdbx_seq_one_letter_code
;MGSSHHHHHHSSGLVPRGSHMASMTGGQQMGRGSMGTESKPLKIYMLPFFAQGHLIPLVNLARLVASKNQHVTIITTPSN
AQLFDKTIEEEKAAGHHIRVHIIKFPSAQLGLPTGVENLFAASDNQTAGKIHMAAHFVKADIEEFMKENPPDVFISDIIF
TWSESTAKNLQIPRLVFNPISIFDVCMIQAIQSHPESFVSDSGPYQIHGLPHPLTLPIKPSPGFARLTESLIEAENDSHG
VIVNSFAELDEGYTEYYENLTGRKVWHVGPTSLMVEIPKKKKVVSTENDSSITKHQSLTWLDTKEPSSVLYISFGSLCRL
SNEQLKEMANGIEASKHQFLWVVHGKEGEDEDNWLPKGFVERMKEEKKGMLIKGWVPQALILDHPSIGGFLTHCGWNATV
EAISSGVPMVTMPGFGDQYYNEKLVTEVHRIGVEVGAAEWSMSPYDAKKTVVRAERIEKAVKKLMDSNGEGGEIRKRAKE
MKEKAWKAVQEGGSSQNCLTKLVDYLHSVVVTKSVELN
;
_entity_poly.pdbx_strand_id   A
#
loop_
_chem_comp.id
_chem_comp.type
_chem_comp.name
_chem_comp.formula
CL non-polymer 'CHLORIDE ION' 'Cl -1'
SO4 non-polymer 'SULFATE ION' 'O4 S -2'
UDP RNA linking URIDINE-5'-DIPHOSPHATE 'C9 H14 N2 O12 P2'
#
# COMPACT_ATOMS: atom_id res chain seq x y z
N PRO A 41 6.46 10.51 30.12
CA PRO A 41 6.77 9.94 28.81
C PRO A 41 6.78 8.41 28.84
N LEU A 42 6.17 7.79 27.84
CA LEU A 42 6.05 6.33 27.82
C LEU A 42 7.23 5.71 27.08
N LYS A 43 7.55 4.47 27.46
CA LYS A 43 8.53 3.64 26.76
C LYS A 43 7.77 2.75 25.79
N ILE A 44 7.85 3.06 24.51
CA ILE A 44 7.04 2.40 23.49
C ILE A 44 7.97 1.73 22.50
N TYR A 45 7.88 0.40 22.39
CA TYR A 45 8.62 -0.38 21.40
C TYR A 45 7.72 -0.68 20.22
N MET A 46 8.26 -0.50 19.02
CA MET A 46 7.53 -0.63 17.77
C MET A 46 8.24 -1.64 16.88
N LEU A 47 7.50 -2.67 16.46
CA LEU A 47 8.07 -3.81 15.74
C LEU A 47 7.52 -3.89 14.33
N PRO A 48 8.22 -3.37 13.32
CA PRO A 48 7.74 -3.47 11.94
C PRO A 48 8.09 -4.80 11.28
N PHE A 49 7.28 -5.15 10.28
CA PHE A 49 7.59 -6.32 9.46
C PHE A 49 8.58 -5.92 8.36
N PHE A 50 9.31 -6.93 7.88
CA PHE A 50 10.40 -6.72 6.92
C PHE A 50 9.89 -6.61 5.48
N ALA A 51 9.08 -5.59 5.26
CA ALA A 51 8.56 -5.30 3.92
C ALA A 51 8.30 -3.80 3.86
N GLN A 52 8.59 -3.21 2.70
CA GLN A 52 8.58 -1.75 2.60
C GLN A 52 7.20 -1.15 2.92
N GLY A 53 6.14 -1.81 2.46
CA GLY A 53 4.79 -1.34 2.75
C GLY A 53 4.40 -1.48 4.20
N HIS A 54 5.15 -2.27 4.97
CA HIS A 54 4.93 -2.39 6.41
C HIS A 54 5.92 -1.55 7.21
N LEU A 55 7.15 -1.46 6.74
CA LEU A 55 8.23 -0.85 7.52
C LEU A 55 8.09 0.67 7.58
N ILE A 56 7.95 1.32 6.43
CA ILE A 56 7.97 2.78 6.39
C ILE A 56 6.72 3.36 7.06
N PRO A 57 5.51 2.80 6.87
CA PRO A 57 4.39 3.33 7.65
C PRO A 57 4.58 3.22 9.15
N LEU A 58 5.19 2.14 9.65
CA LEU A 58 5.41 2.03 11.08
C LEU A 58 6.52 2.96 11.55
N VAL A 59 7.56 3.15 10.74
CA VAL A 59 8.60 4.10 11.09
C VAL A 59 8.01 5.49 11.21
N ASN A 60 7.15 5.88 10.25
CA ASN A 60 6.54 7.20 10.30
C ASN A 60 5.66 7.35 11.54
N LEU A 61 4.94 6.28 11.91
CA LEU A 61 4.21 6.31 13.18
C LEU A 61 5.17 6.53 14.35
N ALA A 62 6.36 5.93 14.28
CA ALA A 62 7.34 6.10 15.35
C ALA A 62 7.77 7.56 15.46
N ARG A 63 7.98 8.22 14.32
CA ARG A 63 8.34 9.63 14.33
C ARG A 63 7.22 10.49 14.91
N LEU A 64 5.97 10.13 14.62
CA LEU A 64 4.84 10.92 15.13
C LEU A 64 4.70 10.78 16.64
N VAL A 65 4.82 9.55 17.15
CA VAL A 65 4.68 9.33 18.58
C VAL A 65 5.87 9.93 19.34
N ALA A 66 7.07 9.86 18.77
CA ALA A 66 8.21 10.53 19.38
C ALA A 66 8.01 12.04 19.42
N SER A 67 7.38 12.60 18.39
CA SER A 67 7.09 14.03 18.36
C SER A 67 6.08 14.45 19.42
N LYS A 68 5.40 13.51 20.06
CA LYS A 68 4.54 13.78 21.20
C LYS A 68 5.23 13.46 22.52
N ASN A 69 6.56 13.62 22.57
CA ASN A 69 7.34 13.53 23.80
C ASN A 69 7.25 12.14 24.43
N GLN A 70 7.36 11.10 23.59
CA GLN A 70 7.38 9.73 24.07
C GLN A 70 8.71 9.08 23.68
N HIS A 71 9.09 8.05 24.42
CA HIS A 71 10.35 7.35 24.21
C HIS A 71 10.07 6.12 23.35
N VAL A 72 10.41 6.22 22.07
CA VAL A 72 10.08 5.21 21.07
C VAL A 72 11.34 4.47 20.65
N THR A 73 11.28 3.14 20.66
CA THR A 73 12.32 2.29 20.11
C THR A 73 11.76 1.45 18.97
N ILE A 74 12.41 1.53 17.81
CA ILE A 74 12.08 0.70 16.66
C ILE A 74 13.00 -0.52 16.68
N ILE A 75 12.41 -1.71 16.69
CA ILE A 75 13.16 -2.96 16.70
C ILE A 75 13.20 -3.51 15.28
N THR A 76 14.39 -3.62 14.70
CA THR A 76 14.50 -4.08 13.33
C THR A 76 15.92 -4.63 13.09
N THR A 77 16.16 -5.10 11.85
CA THR A 77 17.38 -5.77 11.43
C THR A 77 18.30 -4.79 10.70
N PRO A 78 19.60 -5.11 10.60
CA PRO A 78 20.55 -4.11 10.09
C PRO A 78 20.24 -3.58 8.69
N SER A 79 19.88 -4.45 7.74
CA SER A 79 19.61 -3.97 6.39
C SER A 79 18.37 -3.09 6.33
N ASN A 80 17.40 -3.33 7.22
CA ASN A 80 16.20 -2.50 7.22
C ASN A 80 16.43 -1.16 7.92
N ALA A 81 17.22 -1.17 9.00
CA ALA A 81 17.49 0.07 9.72
C ALA A 81 18.23 1.09 8.86
N GLN A 82 19.09 0.63 7.95
CA GLN A 82 19.80 1.56 7.09
C GLN A 82 18.91 2.19 6.03
N LEU A 83 17.66 1.74 5.89
CA LEU A 83 16.71 2.41 5.01
C LEU A 83 16.13 3.68 5.63
N PHE A 84 16.35 3.92 6.92
CA PHE A 84 15.77 5.10 7.54
C PHE A 84 16.62 5.65 8.69
N ASP A 85 17.87 5.19 8.86
CA ASP A 85 18.70 5.68 9.96
C ASP A 85 19.03 7.16 9.82
N LYS A 86 19.16 7.65 8.58
CA LYS A 86 19.43 9.07 8.38
C LYS A 86 18.26 9.92 8.85
N THR A 87 17.03 9.43 8.67
CA THR A 87 15.86 10.13 9.22
C THR A 87 15.88 10.11 10.74
N ILE A 88 16.29 8.99 11.33
CA ILE A 88 16.36 8.88 12.79
C ILE A 88 17.37 9.87 13.35
N GLU A 89 18.52 10.02 12.68
CA GLU A 89 19.52 10.97 13.13
C GLU A 89 18.96 12.39 13.12
N GLU A 90 18.18 12.74 12.10
CA GLU A 90 17.58 14.06 12.04
C GLU A 90 16.54 14.25 13.15
N GLU A 91 15.80 13.19 13.48
CA GLU A 91 14.83 13.29 14.57
C GLU A 91 15.53 13.42 15.92
N LYS A 92 16.61 12.65 16.12
CA LYS A 92 17.37 12.76 17.35
C LYS A 92 18.00 14.15 17.48
N ALA A 93 18.47 14.71 16.36
CA ALA A 93 19.05 16.06 16.37
C ALA A 93 18.01 17.13 16.68
N ALA A 94 16.72 16.84 16.49
CA ALA A 94 15.66 17.77 16.84
C ALA A 94 15.17 17.60 18.26
N GLY A 95 15.80 16.73 19.05
CA GLY A 95 15.42 16.52 20.43
C GLY A 95 14.42 15.41 20.66
N HIS A 96 13.98 14.72 19.61
CA HIS A 96 12.99 13.67 19.76
C HIS A 96 13.66 12.38 20.23
N HIS A 97 13.05 11.73 21.21
CA HIS A 97 13.59 10.52 21.81
C HIS A 97 13.14 9.31 20.98
N ILE A 98 13.86 9.04 19.91
CA ILE A 98 13.59 7.90 19.04
C ILE A 98 14.91 7.21 18.71
N ARG A 99 14.92 5.88 18.80
CA ARG A 99 16.13 5.12 18.55
C ARG A 99 15.75 3.80 17.91
N VAL A 100 16.76 3.13 17.35
CA VAL A 100 16.61 1.83 16.70
C VAL A 100 17.40 0.80 17.50
N HIS A 101 16.74 -0.29 17.88
CA HIS A 101 17.41 -1.43 18.49
C HIS A 101 17.60 -2.51 17.43
N ILE A 102 18.85 -2.80 17.09
CA ILE A 102 19.17 -3.77 16.05
C ILE A 102 19.02 -5.18 16.61
N ILE A 103 18.35 -6.04 15.85
CA ILE A 103 18.35 -7.48 16.09
C ILE A 103 18.86 -8.17 14.85
N LYS A 104 19.43 -9.36 15.04
CA LYS A 104 20.03 -10.13 13.96
C LYS A 104 18.94 -10.75 13.09
N PHE A 105 18.97 -10.47 11.80
CA PHE A 105 18.07 -11.15 10.87
C PHE A 105 18.45 -12.62 10.80
N PRO A 106 17.48 -13.54 10.91
CA PRO A 106 17.82 -14.97 10.99
C PRO A 106 18.23 -15.56 9.64
N SER A 107 19.28 -15.01 9.03
CA SER A 107 19.71 -15.49 7.72
C SER A 107 20.15 -16.95 7.79
N ALA A 108 20.88 -17.32 8.86
CA ALA A 108 21.45 -18.66 8.95
C ALA A 108 20.37 -19.72 9.10
N GLN A 109 19.38 -19.45 9.95
CA GLN A 109 18.27 -20.38 10.15
C GLN A 109 17.44 -20.58 8.90
N LEU A 110 17.45 -19.62 7.98
CA LEU A 110 16.65 -19.70 6.77
C LEU A 110 17.47 -20.06 5.54
N GLY A 111 18.78 -20.18 5.66
CA GLY A 111 19.61 -20.43 4.51
C GLY A 111 19.66 -19.28 3.53
N LEU A 112 19.39 -18.06 3.99
CA LEU A 112 19.40 -16.90 3.11
C LEU A 112 20.77 -16.23 3.11
N PRO A 113 21.24 -15.75 1.97
CA PRO A 113 22.51 -15.01 1.96
C PRO A 113 22.32 -13.66 2.63
N THR A 114 23.42 -13.16 3.20
CA THR A 114 23.36 -11.93 3.98
C THR A 114 22.87 -10.76 3.12
N GLY A 115 22.21 -9.81 3.77
CA GLY A 115 21.65 -8.68 3.05
C GLY A 115 20.30 -8.93 2.40
N VAL A 116 19.73 -10.12 2.53
CA VAL A 116 18.38 -10.40 2.08
C VAL A 116 17.51 -10.39 3.33
N GLU A 117 17.00 -9.21 3.68
CA GLU A 117 16.30 -9.02 4.94
C GLU A 117 14.92 -8.38 4.77
N ASN A 118 14.41 -8.27 3.55
CA ASN A 118 13.08 -7.73 3.32
C ASN A 118 12.56 -8.26 1.99
N LEU A 119 11.25 -8.10 1.80
CA LEU A 119 10.60 -8.62 0.59
C LEU A 119 11.13 -7.97 -0.67
N PHE A 120 11.63 -6.73 -0.58
CA PHE A 120 12.19 -6.08 -1.76
C PHE A 120 13.44 -6.79 -2.26
N ALA A 121 14.14 -7.53 -1.40
CA ALA A 121 15.32 -8.27 -1.80
C ALA A 121 14.99 -9.68 -2.29
N ALA A 122 13.75 -10.11 -2.18
CA ALA A 122 13.34 -11.42 -2.65
C ALA A 122 12.97 -11.35 -4.13
N SER A 123 13.12 -12.48 -4.82
CA SER A 123 12.86 -12.56 -6.24
C SER A 123 12.02 -13.77 -6.61
N ASP A 124 11.52 -14.51 -5.62
CA ASP A 124 10.74 -15.71 -5.87
C ASP A 124 9.92 -16.00 -4.63
N ASN A 125 8.95 -16.90 -4.77
CA ASN A 125 8.06 -17.21 -3.65
C ASN A 125 8.79 -17.89 -2.52
N GLN A 126 9.79 -18.72 -2.83
CA GLN A 126 10.51 -19.41 -1.77
C GLN A 126 11.22 -18.42 -0.86
N THR A 127 11.91 -17.44 -1.45
CA THR A 127 12.57 -16.41 -0.64
C THR A 127 11.54 -15.56 0.11
N ALA A 128 10.47 -15.15 -0.58
CA ALA A 128 9.44 -14.36 0.06
C ALA A 128 8.82 -15.09 1.24
N GLY A 129 8.58 -16.39 1.08
CA GLY A 129 8.07 -17.17 2.20
C GLY A 129 9.06 -17.28 3.34
N LYS A 130 10.36 -17.26 3.04
CA LYS A 130 11.36 -17.33 4.09
C LYS A 130 11.39 -16.03 4.90
N ILE A 131 11.24 -14.89 4.22
CA ILE A 131 11.19 -13.61 4.93
C ILE A 131 9.96 -13.55 5.83
N HIS A 132 8.83 -14.11 5.37
CA HIS A 132 7.68 -14.23 6.25
C HIS A 132 7.99 -15.12 7.44
N MET A 133 8.71 -16.22 7.21
CA MET A 133 9.10 -17.11 8.30
C MET A 133 10.07 -16.44 9.26
N ALA A 134 10.82 -15.44 8.78
CA ALA A 134 11.75 -14.73 9.65
C ALA A 134 11.03 -14.01 10.78
N ALA A 135 9.77 -13.62 10.57
CA ALA A 135 9.02 -12.96 11.63
C ALA A 135 8.87 -13.85 12.86
N HIS A 136 8.80 -15.16 12.65
CA HIS A 136 8.73 -16.06 13.80
C HIS A 136 10.08 -16.25 14.46
N PHE A 137 11.16 -16.24 13.67
CA PHE A 137 12.48 -16.58 14.22
C PHE A 137 13.04 -15.45 15.08
N VAL A 138 12.60 -14.22 14.88
CA VAL A 138 13.16 -13.10 15.62
C VAL A 138 12.55 -13.05 17.01
N LYS A 139 11.62 -13.95 17.29
CA LYS A 139 10.89 -13.92 18.56
C LYS A 139 11.84 -14.01 19.76
N ALA A 140 12.84 -14.89 19.68
CA ALA A 140 13.74 -15.09 20.82
C ALA A 140 14.53 -13.83 21.13
N ASP A 141 15.17 -13.24 20.12
CA ASP A 141 15.96 -12.04 20.34
C ASP A 141 15.09 -10.88 20.84
N ILE A 142 13.86 -10.80 20.35
CA ILE A 142 12.98 -9.70 20.77
C ILE A 142 12.45 -9.94 22.18
N GLU A 143 12.00 -11.15 22.47
CA GLU A 143 11.54 -11.46 23.82
C GLU A 143 12.65 -11.26 24.84
N GLU A 144 13.87 -11.72 24.52
CA GLU A 144 14.99 -11.50 25.41
C GLU A 144 15.23 -10.01 25.63
N PHE A 145 15.15 -9.20 24.57
CA PHE A 145 15.36 -7.77 24.70
C PHE A 145 14.26 -7.11 25.52
N MET A 146 13.05 -7.65 25.48
CA MET A 146 11.94 -7.06 26.22
C MET A 146 11.84 -7.58 27.65
N LYS A 147 12.32 -8.80 27.92
CA LYS A 147 12.41 -9.22 29.31
C LYS A 147 13.49 -8.45 30.06
N GLU A 148 14.56 -8.06 29.36
CA GLU A 148 15.64 -7.31 29.99
C GLU A 148 15.29 -5.82 30.12
N ASN A 149 14.70 -5.24 29.08
CA ASN A 149 14.32 -3.82 29.05
C ASN A 149 12.83 -3.73 28.75
N PRO A 150 11.97 -4.03 29.73
CA PRO A 150 10.53 -4.03 29.48
C PRO A 150 10.04 -2.62 29.18
N PRO A 151 9.26 -2.45 28.10
CA PRO A 151 8.71 -1.13 27.81
C PRO A 151 7.34 -0.94 28.43
N ASP A 152 6.76 0.24 28.25
CA ASP A 152 5.41 0.46 28.73
C ASP A 152 4.37 -0.10 27.74
N VAL A 153 4.61 0.09 26.44
CA VAL A 153 3.68 -0.36 25.41
C VAL A 153 4.46 -1.07 24.31
N PHE A 154 3.82 -2.06 23.69
CA PHE A 154 4.40 -2.81 22.58
C PHE A 154 3.47 -2.71 21.38
N ILE A 155 3.96 -2.13 20.29
CA ILE A 155 3.21 -2.01 19.05
C ILE A 155 3.89 -2.89 18.01
N SER A 156 3.13 -3.84 17.45
CA SER A 156 3.71 -4.81 16.53
C SER A 156 2.84 -4.96 15.29
N ASP A 157 3.50 -5.18 14.15
CA ASP A 157 2.83 -5.46 12.90
C ASP A 157 1.94 -6.70 13.04
N ILE A 158 0.83 -6.70 12.30
CA ILE A 158 -0.13 -7.80 12.30
C ILE A 158 0.56 -9.15 12.18
N ILE A 159 1.67 -9.20 11.45
CA ILE A 159 2.26 -10.48 11.07
C ILE A 159 2.84 -11.21 12.27
N PHE A 160 3.46 -10.47 13.21
CA PHE A 160 4.07 -11.07 14.39
C PHE A 160 2.98 -11.60 15.31
N THR A 161 2.48 -12.80 14.98
CA THR A 161 1.37 -13.38 15.74
C THR A 161 1.78 -13.75 17.16
N TRP A 162 3.07 -14.01 17.38
CA TRP A 162 3.53 -14.36 18.72
C TRP A 162 3.53 -13.17 19.69
N SER A 163 3.31 -11.95 19.19
CA SER A 163 3.38 -10.77 20.05
C SER A 163 2.30 -10.78 21.11
N GLU A 164 1.16 -11.40 20.82
CA GLU A 164 0.08 -11.48 21.80
C GLU A 164 0.53 -12.26 23.04
N SER A 165 1.07 -13.47 22.83
CA SER A 165 1.56 -14.26 23.97
C SER A 165 2.75 -13.59 24.65
N THR A 166 3.58 -12.87 23.88
CA THR A 166 4.71 -12.17 24.48
C THR A 166 4.25 -11.04 25.39
N ALA A 167 3.21 -10.32 24.98
CA ALA A 167 2.70 -9.22 25.81
C ALA A 167 2.00 -9.73 27.07
N LYS A 168 1.32 -10.87 26.97
CA LYS A 168 0.66 -11.44 28.15
C LYS A 168 1.70 -11.89 29.18
N ASN A 169 2.68 -12.68 28.75
CA ASN A 169 3.69 -13.20 29.66
C ASN A 169 4.55 -12.10 30.27
N LEU A 170 4.62 -10.94 29.63
CA LEU A 170 5.34 -9.79 30.18
C LEU A 170 4.40 -8.76 30.80
N GLN A 171 3.09 -9.02 30.79
CA GLN A 171 2.08 -8.13 31.37
C GLN A 171 2.27 -6.70 30.89
N ILE A 172 2.19 -6.53 29.58
CA ILE A 172 2.40 -5.24 28.93
C ILE A 172 1.33 -5.05 27.86
N PRO A 173 0.70 -3.88 27.78
CA PRO A 173 -0.31 -3.67 26.74
C PRO A 173 0.31 -3.75 25.34
N ARG A 174 -0.43 -4.39 24.44
CA ARG A 174 0.01 -4.53 23.06
C ARG A 174 -1.08 -4.04 22.12
N LEU A 175 -0.69 -3.23 21.15
CA LEU A 175 -1.56 -2.81 20.07
C LEU A 175 -1.00 -3.33 18.76
N VAL A 176 -1.89 -3.77 17.89
CA VAL A 176 -1.55 -4.28 16.58
C VAL A 176 -1.50 -3.10 15.59
N PHE A 177 -0.54 -3.12 14.67
CA PHE A 177 -0.44 -2.07 13.66
C PHE A 177 -0.83 -2.64 12.29
N ASN A 178 -1.85 -2.03 11.68
CA ASN A 178 -2.30 -2.41 10.35
C ASN A 178 -1.83 -1.36 9.37
N PRO A 179 -0.92 -1.67 8.45
CA PRO A 179 -0.30 -0.63 7.62
C PRO A 179 -1.16 -0.16 6.45
N ILE A 180 -2.38 -0.66 6.30
CA ILE A 180 -3.27 -0.24 5.22
C ILE A 180 -4.66 0.05 5.81
N SER A 181 -5.60 0.38 4.92
CA SER A 181 -6.97 0.67 5.33
C SER A 181 -7.63 -0.56 5.94
N ILE A 182 -8.57 -0.32 6.86
CA ILE A 182 -9.35 -1.41 7.45
C ILE A 182 -10.36 -1.99 6.48
N PHE A 183 -10.63 -1.33 5.36
CA PHE A 183 -11.57 -1.85 4.34
C PHE A 183 -11.17 -3.24 3.84
N ASP A 184 -9.89 -3.47 3.61
CA ASP A 184 -9.43 -4.75 3.01
C ASP A 184 -9.88 -5.96 3.83
N VAL A 185 -9.60 -5.95 5.12
CA VAL A 185 -10.00 -7.08 6.02
C VAL A 185 -11.53 -7.21 5.99
N CYS A 186 -12.23 -6.09 5.87
CA CYS A 186 -13.69 -6.16 5.82
C CYS A 186 -14.15 -6.85 4.53
N MET A 187 -13.56 -6.46 3.40
CA MET A 187 -13.89 -7.10 2.13
C MET A 187 -13.57 -8.59 2.19
N ILE A 188 -12.40 -8.93 2.74
CA ILE A 188 -12.00 -10.33 2.90
C ILE A 188 -13.03 -11.08 3.73
N GLN A 189 -13.39 -10.52 4.89
CA GLN A 189 -14.35 -11.19 5.76
C GLN A 189 -15.70 -11.35 5.08
N ALA A 190 -16.14 -10.33 4.33
CA ALA A 190 -17.42 -10.46 3.64
C ALA A 190 -17.37 -11.56 2.58
N ILE A 191 -16.24 -11.70 1.89
CA ILE A 191 -16.09 -12.80 0.94
C ILE A 191 -16.13 -14.13 1.66
N GLN A 192 -15.35 -14.25 2.74
CA GLN A 192 -15.28 -15.51 3.50
C GLN A 192 -16.64 -15.90 4.02
N SER A 193 -17.45 -14.94 4.47
CA SER A 193 -18.73 -15.24 5.09
C SER A 193 -19.86 -15.44 4.10
N HIS A 194 -19.59 -15.34 2.79
CA HIS A 194 -20.59 -15.57 1.76
C HIS A 194 -20.08 -16.53 0.70
N PRO A 195 -19.75 -17.78 1.07
CA PRO A 195 -19.24 -18.73 0.07
C PRO A 195 -20.24 -19.05 -1.01
N GLU A 196 -21.55 -18.88 -0.74
CA GLU A 196 -22.56 -19.15 -1.75
C GLU A 196 -22.51 -18.15 -2.90
N SER A 197 -21.85 -16.99 -2.70
CA SER A 197 -21.75 -15.99 -3.75
C SER A 197 -20.65 -16.29 -4.76
N PHE A 198 -19.78 -17.27 -4.49
CA PHE A 198 -18.61 -17.54 -5.33
C PHE A 198 -18.57 -18.99 -5.79
N VAL A 199 -19.75 -19.60 -5.98
CA VAL A 199 -19.78 -21.00 -6.41
C VAL A 199 -19.69 -21.13 -7.92
N SER A 200 -20.08 -20.09 -8.68
CA SER A 200 -20.07 -20.17 -10.13
C SER A 200 -18.64 -20.21 -10.66
N ASP A 201 -18.48 -20.86 -11.83
CA ASP A 201 -17.16 -20.94 -12.43
C ASP A 201 -16.73 -19.60 -13.04
N SER A 202 -17.70 -18.81 -13.52
CA SER A 202 -17.43 -17.53 -14.15
C SER A 202 -18.09 -16.41 -13.36
N GLY A 203 -17.50 -15.23 -13.41
CA GLY A 203 -18.04 -14.07 -12.76
C GLY A 203 -19.17 -13.46 -13.56
N PRO A 204 -19.65 -12.28 -13.15
CA PRO A 204 -19.21 -11.48 -11.99
C PRO A 204 -19.67 -12.07 -10.67
N TYR A 205 -19.08 -11.62 -9.56
CA TYR A 205 -19.46 -12.09 -8.24
C TYR A 205 -19.86 -10.89 -7.38
N GLN A 206 -20.92 -11.07 -6.59
CA GLN A 206 -21.44 -10.02 -5.72
C GLN A 206 -20.90 -10.22 -4.30
N ILE A 207 -20.44 -9.13 -3.69
CA ILE A 207 -20.02 -9.14 -2.30
C ILE A 207 -21.09 -8.44 -1.48
N HIS A 208 -21.71 -9.19 -0.57
CA HIS A 208 -22.84 -8.70 0.20
C HIS A 208 -22.43 -8.39 1.64
N GLY A 209 -23.26 -7.57 2.29
CA GLY A 209 -23.13 -7.31 3.72
C GLY A 209 -22.31 -6.09 4.08
N LEU A 210 -21.75 -5.36 3.10
CA LEU A 210 -20.89 -4.22 3.38
C LEU A 210 -21.64 -2.92 3.15
N PRO A 211 -21.10 -1.79 3.64
CA PRO A 211 -21.75 -0.50 3.36
C PRO A 211 -21.98 -0.24 1.88
N HIS A 212 -21.16 -0.79 1.01
CA HIS A 212 -21.30 -0.57 -0.42
C HIS A 212 -21.45 -1.90 -1.15
N PRO A 213 -22.24 -1.94 -2.21
CA PRO A 213 -22.26 -3.14 -3.07
C PRO A 213 -20.94 -3.23 -3.84
N LEU A 214 -20.32 -4.40 -3.76
CA LEU A 214 -19.05 -4.62 -4.44
C LEU A 214 -19.18 -5.80 -5.39
N THR A 215 -18.41 -5.76 -6.47
CA THR A 215 -18.40 -6.80 -7.48
C THR A 215 -16.98 -7.24 -7.77
N LEU A 216 -16.83 -8.49 -8.19
CA LEU A 216 -15.55 -9.04 -8.55
C LEU A 216 -15.72 -9.79 -9.87
N PRO A 217 -14.85 -9.56 -10.84
CA PRO A 217 -14.92 -10.32 -12.11
C PRO A 217 -14.32 -11.70 -11.99
N ILE A 218 -13.37 -11.87 -11.08
CA ILE A 218 -12.68 -13.14 -10.84
C ILE A 218 -12.78 -13.50 -9.37
N LYS A 219 -12.98 -14.78 -9.08
CA LYS A 219 -13.08 -15.20 -7.69
C LYS A 219 -11.70 -15.22 -7.05
N PRO A 220 -11.62 -14.94 -5.75
CA PRO A 220 -10.31 -14.97 -5.07
C PRO A 220 -9.69 -16.35 -5.12
N SER A 221 -8.38 -16.38 -5.33
CA SER A 221 -7.64 -17.62 -5.42
C SER A 221 -7.39 -18.19 -4.03
N PRO A 222 -7.16 -19.50 -3.92
CA PRO A 222 -6.94 -20.11 -2.60
C PRO A 222 -5.86 -19.39 -1.82
N GLY A 223 -6.12 -19.18 -0.53
CA GLY A 223 -5.20 -18.44 0.31
C GLY A 223 -5.35 -16.93 0.27
N PHE A 224 -6.46 -16.40 -0.27
CA PHE A 224 -6.62 -14.96 -0.36
C PHE A 224 -6.76 -14.30 1.00
N ALA A 225 -7.08 -15.06 2.05
CA ALA A 225 -7.35 -14.48 3.37
C ALA A 225 -6.19 -14.65 4.34
N ARG A 226 -4.97 -14.80 3.82
CA ARG A 226 -3.79 -14.88 4.68
C ARG A 226 -3.57 -13.59 5.44
N LEU A 227 -2.93 -13.71 6.60
CA LEU A 227 -2.52 -12.57 7.42
C LEU A 227 -3.72 -11.72 7.84
N THR A 228 -4.86 -12.38 8.10
CA THR A 228 -6.03 -11.69 8.62
C THR A 228 -6.61 -12.32 9.88
N GLU A 229 -6.12 -13.50 10.30
CA GLU A 229 -6.69 -14.14 11.48
C GLU A 229 -6.51 -13.28 12.73
N SER A 230 -5.37 -12.59 12.83
CA SER A 230 -5.15 -11.73 13.98
C SER A 230 -6.06 -10.51 13.97
N LEU A 231 -6.51 -10.06 12.80
CA LEU A 231 -7.40 -8.91 12.68
C LEU A 231 -8.86 -9.28 12.80
N ILE A 232 -9.26 -10.44 12.25
CA ILE A 232 -10.67 -10.80 12.22
C ILE A 232 -11.15 -11.38 13.55
N GLU A 233 -10.26 -11.98 14.34
CA GLU A 233 -10.66 -12.59 15.59
C GLU A 233 -11.23 -11.54 16.55
N ALA A 234 -12.16 -11.98 17.40
CA ALA A 234 -12.84 -11.10 18.32
C ALA A 234 -11.87 -10.55 19.37
N GLU A 235 -12.36 -9.58 20.14
CA GLU A 235 -11.54 -8.92 21.15
C GLU A 235 -11.38 -9.80 22.37
N ASN A 236 -10.19 -9.77 22.96
CA ASN A 236 -9.93 -10.36 24.28
C ASN A 236 -9.27 -9.26 25.10
N ASP A 237 -10.09 -8.32 25.57
CA ASP A 237 -9.61 -7.11 26.24
C ASP A 237 -8.58 -6.40 25.37
N SER A 238 -9.02 -6.01 24.18
CA SER A 238 -8.13 -5.42 23.19
C SER A 238 -7.98 -3.92 23.44
N HIS A 239 -6.74 -3.45 23.34
CA HIS A 239 -6.44 -2.03 23.38
C HIS A 239 -6.66 -1.35 22.03
N GLY A 240 -7.14 -2.09 21.03
CA GLY A 240 -7.45 -1.53 19.73
C GLY A 240 -6.41 -1.89 18.68
N VAL A 241 -6.73 -1.51 17.45
CA VAL A 241 -5.89 -1.72 16.27
C VAL A 241 -5.53 -0.36 15.70
N ILE A 242 -4.23 -0.11 15.52
CA ILE A 242 -3.77 1.13 14.91
C ILE A 242 -3.79 0.94 13.39
N VAL A 243 -4.52 1.80 12.69
CA VAL A 243 -4.77 1.64 11.26
C VAL A 243 -4.13 2.81 10.53
N ASN A 244 -3.28 2.50 9.54
CA ASN A 244 -2.64 3.52 8.72
C ASN A 244 -3.58 3.97 7.60
N SER A 245 -4.60 4.74 8.01
CA SER A 245 -5.57 5.33 7.10
C SER A 245 -6.25 6.47 7.85
N PHE A 246 -7.22 7.11 7.21
CA PHE A 246 -7.99 8.18 7.84
C PHE A 246 -9.47 7.87 7.78
N ALA A 247 -10.21 8.47 8.73
CA ALA A 247 -11.60 8.09 9.00
C ALA A 247 -12.48 8.22 7.76
N GLU A 248 -12.31 9.31 7.02
CA GLU A 248 -13.14 9.56 5.84
C GLU A 248 -12.99 8.46 4.80
N LEU A 249 -11.77 7.97 4.58
CA LEU A 249 -11.56 6.91 3.60
C LEU A 249 -12.16 5.59 4.08
N ASP A 250 -12.03 5.27 5.36
CA ASP A 250 -12.52 4.02 5.92
C ASP A 250 -13.97 4.09 6.40
N GLU A 251 -14.65 5.21 6.20
CA GLU A 251 -15.96 5.43 6.79
C GLU A 251 -16.93 4.31 6.42
N GLY A 252 -17.66 3.81 7.42
CA GLY A 252 -18.53 2.65 7.24
C GLY A 252 -17.83 1.33 7.48
N TYR A 253 -16.59 1.19 7.00
CA TYR A 253 -15.85 -0.03 7.24
C TYR A 253 -15.23 -0.05 8.63
N THR A 254 -14.88 1.13 9.15
CA THR A 254 -14.50 1.25 10.56
C THR A 254 -15.56 0.62 11.46
N GLU A 255 -16.82 1.03 11.26
CA GLU A 255 -17.91 0.56 12.11
C GLU A 255 -18.22 -0.91 11.85
N TYR A 256 -18.21 -1.32 10.58
CA TYR A 256 -18.35 -2.74 10.26
C TYR A 256 -17.34 -3.57 11.03
N TYR A 257 -16.08 -3.12 11.04
CA TYR A 257 -15.02 -3.88 11.70
C TYR A 257 -15.18 -3.89 13.20
N GLU A 258 -15.43 -2.72 13.80
CA GLU A 258 -15.63 -2.65 15.23
C GLU A 258 -16.83 -3.48 15.67
N ASN A 259 -17.91 -3.43 14.90
CA ASN A 259 -19.07 -4.26 15.23
C ASN A 259 -18.73 -5.75 15.11
N LEU A 260 -17.92 -6.12 14.12
CA LEU A 260 -17.61 -7.53 13.89
C LEU A 260 -16.66 -8.07 14.95
N THR A 261 -15.60 -7.33 15.26
CA THR A 261 -14.55 -7.83 16.14
C THR A 261 -14.65 -7.31 17.57
N GLY A 262 -15.39 -6.22 17.79
CA GLY A 262 -15.39 -5.60 19.10
C GLY A 262 -14.16 -4.79 19.41
N ARG A 263 -13.25 -4.61 18.45
CA ARG A 263 -11.97 -3.98 18.68
C ARG A 263 -11.96 -2.55 18.16
N LYS A 264 -11.46 -1.62 19.00
CA LYS A 264 -11.36 -0.22 18.63
C LYS A 264 -10.38 -0.01 17.49
N VAL A 265 -10.74 0.88 16.56
CA VAL A 265 -9.86 1.29 15.46
C VAL A 265 -9.30 2.67 15.78
N TRP A 266 -7.96 2.78 15.74
CA TRP A 266 -7.27 4.08 15.86
C TRP A 266 -6.74 4.46 14.49
N HIS A 267 -7.39 5.43 13.84
CA HIS A 267 -6.95 5.94 12.54
C HIS A 267 -5.93 7.05 12.77
N VAL A 268 -4.69 6.82 12.35
CA VAL A 268 -3.61 7.76 12.61
C VAL A 268 -2.87 8.08 11.32
N GLY A 269 -3.47 7.73 10.18
CA GLY A 269 -2.78 7.82 8.92
C GLY A 269 -3.39 8.79 7.93
N PRO A 270 -2.86 8.80 6.69
CA PRO A 270 -1.68 8.04 6.21
C PRO A 270 -0.43 8.60 6.86
N THR A 271 0.36 7.79 7.56
CA THR A 271 1.48 8.34 8.32
C THR A 271 2.53 8.98 7.42
N SER A 272 2.58 8.62 6.13
CA SER A 272 3.51 9.29 5.22
C SER A 272 3.13 10.74 5.00
N LEU A 273 1.84 11.06 5.08
CA LEU A 273 1.41 12.45 5.02
C LEU A 273 1.49 13.14 6.37
N MET A 274 1.27 12.40 7.47
CA MET A 274 1.33 13.00 8.79
C MET A 274 2.71 13.57 9.11
N VAL A 275 3.77 12.90 8.66
CA VAL A 275 5.13 13.32 8.99
C VAL A 275 5.54 14.49 8.10
N GLU A 276 4.60 15.02 7.34
CA GLU A 276 4.84 16.22 6.57
C GLU A 276 4.01 17.38 7.08
N LYS A 294 16.84 18.94 -13.48
CA LYS A 294 15.46 18.63 -13.83
C LYS A 294 15.37 17.46 -14.80
N HIS A 295 14.69 16.40 -14.36
CA HIS A 295 14.54 15.20 -15.17
C HIS A 295 13.78 15.51 -16.46
N GLN A 296 14.10 14.75 -17.51
CA GLN A 296 13.47 14.97 -18.82
C GLN A 296 11.97 14.72 -18.79
N SER A 297 11.47 13.89 -17.86
CA SER A 297 10.04 13.65 -17.79
C SER A 297 9.29 14.93 -17.44
N LEU A 298 9.77 15.67 -16.44
CA LEU A 298 9.11 16.92 -16.05
C LEU A 298 9.20 17.96 -17.16
N THR A 299 10.32 17.97 -17.88
CA THR A 299 10.48 18.90 -19.00
C THR A 299 9.45 18.62 -20.10
N TRP A 300 9.22 17.33 -20.38
CA TRP A 300 8.20 16.96 -21.34
C TRP A 300 6.81 17.33 -20.84
N LEU A 301 6.55 17.13 -19.55
CA LEU A 301 5.24 17.47 -18.99
C LEU A 301 4.99 18.98 -19.01
N ASP A 302 6.06 19.78 -18.94
CA ASP A 302 5.90 21.24 -18.99
C ASP A 302 5.33 21.72 -20.32
N THR A 303 5.30 20.88 -21.35
CA THR A 303 4.75 21.25 -22.65
C THR A 303 3.31 20.81 -22.83
N LYS A 304 2.71 20.15 -21.85
CA LYS A 304 1.40 19.53 -22.00
C LYS A 304 0.33 20.32 -21.25
N GLU A 305 -0.91 20.18 -21.71
CA GLU A 305 -2.03 20.89 -21.11
C GLU A 305 -2.34 20.29 -19.74
N PRO A 306 -2.96 21.07 -18.85
CA PRO A 306 -3.31 20.54 -17.52
C PRO A 306 -4.18 19.29 -17.64
N SER A 307 -3.90 18.31 -16.77
CA SER A 307 -4.70 17.08 -16.65
C SER A 307 -4.79 16.30 -17.95
N SER A 308 -3.82 16.46 -18.85
CA SER A 308 -3.92 15.86 -20.17
C SER A 308 -3.08 14.60 -20.34
N VAL A 309 -2.27 14.22 -19.36
CA VAL A 309 -1.32 13.13 -19.52
C VAL A 309 -1.65 12.02 -18.52
N LEU A 310 -1.73 10.79 -19.03
CA LEU A 310 -1.86 9.61 -18.19
C LEU A 310 -0.47 9.15 -17.77
N TYR A 311 -0.23 9.10 -16.47
CA TYR A 311 1.00 8.57 -15.92
C TYR A 311 0.85 7.07 -15.71
N ILE A 312 1.80 6.30 -16.22
CA ILE A 312 1.78 4.84 -16.13
C ILE A 312 3.06 4.38 -15.45
N SER A 313 2.91 3.65 -14.34
CA SER A 313 4.06 3.14 -13.61
C SER A 313 3.62 2.00 -12.71
N PHE A 314 4.21 0.82 -12.90
CA PHE A 314 3.93 -0.34 -12.05
C PHE A 314 5.11 -0.72 -11.15
N GLY A 315 6.23 0.01 -11.25
CA GLY A 315 7.35 -0.26 -10.39
C GLY A 315 8.10 -1.52 -10.79
N SER A 316 8.93 -2.00 -9.87
CA SER A 316 9.81 -3.14 -10.11
C SER A 316 9.18 -4.47 -9.68
N LEU A 317 8.60 -4.50 -8.46
CA LEU A 317 7.99 -5.72 -7.96
C LEU A 317 6.86 -6.19 -8.86
N CYS A 318 5.90 -5.32 -9.14
CA CYS A 318 4.75 -5.65 -9.98
C CYS A 318 4.98 -5.35 -11.44
N ARG A 319 6.16 -5.64 -11.97
CA ARG A 319 6.43 -5.44 -13.37
C ARG A 319 5.69 -6.47 -14.22
N LEU A 320 5.23 -6.04 -15.39
CA LEU A 320 4.37 -6.82 -16.24
C LEU A 320 5.16 -7.69 -17.21
N SER A 321 4.48 -8.72 -17.74
CA SER A 321 5.09 -9.62 -18.70
C SER A 321 5.18 -8.97 -20.07
N ASN A 322 5.99 -9.58 -20.94
CA ASN A 322 6.17 -9.07 -22.30
C ASN A 322 4.84 -9.04 -23.04
N GLU A 323 4.06 -10.12 -22.95
CA GLU A 323 2.75 -10.14 -23.58
C GLU A 323 1.83 -9.08 -22.99
N GLN A 324 1.93 -8.85 -21.68
CA GLN A 324 1.09 -7.84 -21.05
C GLN A 324 1.52 -6.43 -21.47
N LEU A 325 2.82 -6.20 -21.59
CA LEU A 325 3.31 -4.88 -22.00
C LEU A 325 2.87 -4.56 -23.42
N LYS A 326 2.84 -5.56 -24.30
CA LYS A 326 2.37 -5.33 -25.67
C LYS A 326 0.89 -4.98 -25.69
N GLU A 327 0.07 -5.74 -24.98
CA GLU A 327 -1.35 -5.42 -24.88
C GLU A 327 -1.54 -4.01 -24.32
N MET A 328 -0.69 -3.61 -23.37
CA MET A 328 -0.79 -2.29 -22.78
C MET A 328 -0.49 -1.21 -23.81
N ALA A 329 0.59 -1.36 -24.56
CA ALA A 329 0.96 -0.35 -25.55
C ALA A 329 -0.12 -0.18 -26.61
N ASN A 330 -0.72 -1.29 -27.06
CA ASN A 330 -1.82 -1.20 -28.02
C ASN A 330 -3.01 -0.47 -27.42
N GLY A 331 -3.43 -0.85 -26.21
CA GLY A 331 -4.54 -0.17 -25.58
C GLY A 331 -4.25 1.30 -25.33
N ILE A 332 -3.04 1.60 -24.87
CA ILE A 332 -2.66 2.99 -24.63
C ILE A 332 -2.64 3.79 -25.93
N GLU A 333 -2.07 3.21 -26.99
CA GLU A 333 -2.05 3.89 -28.28
C GLU A 333 -3.45 4.05 -28.83
N ALA A 334 -4.26 2.99 -28.78
CA ALA A 334 -5.64 3.09 -29.25
C ALA A 334 -6.46 4.08 -28.44
N SER A 335 -6.04 4.40 -27.22
CA SER A 335 -6.78 5.37 -26.42
C SER A 335 -6.63 6.79 -26.94
N LYS A 336 -5.59 7.05 -27.75
CA LYS A 336 -5.31 8.36 -28.34
C LYS A 336 -5.01 9.43 -27.30
N HIS A 337 -4.71 9.05 -26.07
CA HIS A 337 -4.40 10.01 -25.02
C HIS A 337 -2.89 10.07 -24.78
N GLN A 338 -2.44 11.24 -24.34
CA GLN A 338 -1.02 11.42 -24.04
C GLN A 338 -0.66 10.63 -22.79
N PHE A 339 0.58 10.16 -22.74
CA PHE A 339 0.97 9.29 -21.64
C PHE A 339 2.44 9.51 -21.30
N LEU A 340 2.77 9.28 -20.03
CA LEU A 340 4.13 9.18 -19.56
C LEU A 340 4.27 7.79 -18.94
N TRP A 341 4.97 6.91 -19.65
CA TRP A 341 5.08 5.50 -19.30
C TRP A 341 6.47 5.22 -18.75
N VAL A 342 6.53 4.78 -17.50
CA VAL A 342 7.78 4.43 -16.84
C VAL A 342 7.83 2.91 -16.70
N VAL A 343 8.86 2.29 -17.25
CA VAL A 343 9.07 0.85 -17.18
C VAL A 343 10.41 0.59 -16.53
N HIS A 344 10.45 -0.40 -15.64
CA HIS A 344 11.69 -0.80 -14.97
C HIS A 344 12.15 -2.15 -15.49
N GLY A 345 13.46 -2.32 -15.60
CA GLY A 345 14.01 -3.60 -15.99
C GLY A 345 13.92 -3.93 -17.46
N LYS A 346 14.01 -2.92 -18.34
CA LYS A 346 14.01 -3.14 -19.78
C LYS A 346 15.18 -2.46 -20.47
N GLU A 347 16.16 -1.96 -19.71
CA GLU A 347 17.33 -1.33 -20.30
C GLU A 347 18.19 -2.37 -21.00
N GLY A 348 18.52 -2.11 -22.26
CA GLY A 348 19.32 -3.05 -23.02
C GLY A 348 18.57 -4.29 -23.45
N GLU A 349 17.29 -4.14 -23.80
CA GLU A 349 16.49 -5.25 -24.32
C GLU A 349 15.81 -4.81 -25.60
N ASP A 350 15.71 -5.73 -26.55
CA ASP A 350 15.03 -5.44 -27.81
C ASP A 350 13.57 -5.08 -27.55
N GLU A 351 13.21 -3.85 -27.91
CA GLU A 351 11.85 -3.37 -27.67
C GLU A 351 10.80 -4.21 -28.39
N ASP A 352 11.18 -4.92 -29.46
CA ASP A 352 10.23 -5.79 -30.14
C ASP A 352 9.78 -6.95 -29.25
N ASN A 353 10.55 -7.26 -28.21
CA ASN A 353 10.17 -8.35 -27.31
C ASN A 353 9.01 -7.98 -26.41
N TRP A 354 8.80 -6.68 -26.14
CA TRP A 354 7.74 -6.27 -25.23
C TRP A 354 6.93 -5.08 -25.75
N LEU A 355 7.18 -4.61 -26.97
CA LEU A 355 6.42 -3.52 -27.57
C LEU A 355 6.06 -3.89 -29.00
N PRO A 356 4.96 -3.35 -29.52
CA PRO A 356 4.62 -3.58 -30.93
C PRO A 356 5.68 -2.98 -31.85
N LYS A 357 5.60 -3.37 -33.13
CA LYS A 357 6.59 -2.95 -34.11
C LYS A 357 6.60 -1.43 -34.24
N GLY A 358 7.74 -0.81 -33.94
CA GLY A 358 7.89 0.62 -34.09
C GLY A 358 6.99 1.45 -33.19
N PHE A 359 6.66 0.95 -32.01
CA PHE A 359 5.78 1.70 -31.11
C PHE A 359 6.39 3.04 -30.71
N VAL A 360 7.70 3.06 -30.44
CA VAL A 360 8.34 4.29 -30.00
C VAL A 360 8.47 5.29 -31.15
N GLU A 361 8.59 4.81 -32.39
CA GLU A 361 8.70 5.71 -33.52
C GLU A 361 7.47 6.60 -33.65
N ARG A 362 6.29 5.98 -33.81
CA ARG A 362 5.06 6.75 -33.89
C ARG A 362 4.76 7.46 -32.58
N MET A 363 5.29 6.97 -31.46
CA MET A 363 5.02 7.61 -30.17
C MET A 363 5.55 9.04 -30.15
N LYS A 364 6.75 9.26 -30.69
CA LYS A 364 7.33 10.60 -30.74
C LYS A 364 6.92 11.40 -31.96
N GLU A 365 6.58 10.73 -33.07
CA GLU A 365 6.18 11.46 -34.27
C GLU A 365 4.82 12.15 -34.06
N GLU A 366 3.87 11.46 -33.45
CA GLU A 366 2.58 12.09 -33.15
C GLU A 366 2.59 12.89 -31.85
N LYS A 367 3.75 13.00 -31.18
CA LYS A 367 3.89 13.81 -29.97
C LYS A 367 2.91 13.38 -28.89
N LYS A 368 2.64 12.06 -28.83
CA LYS A 368 1.62 11.57 -27.92
C LYS A 368 2.19 11.15 -26.57
N GLY A 369 3.26 10.35 -26.57
CA GLY A 369 3.74 9.74 -25.35
C GLY A 369 5.24 9.82 -25.21
N MET A 370 5.70 9.55 -24.00
CA MET A 370 7.11 9.46 -23.67
C MET A 370 7.32 8.20 -22.84
N LEU A 371 8.33 7.42 -23.20
CA LEU A 371 8.65 6.17 -22.51
C LEU A 371 10.00 6.33 -21.83
N ILE A 372 10.03 6.13 -20.51
CA ILE A 372 11.23 6.26 -19.71
C ILE A 372 11.59 4.89 -19.13
N LYS A 373 12.84 4.49 -19.29
CA LYS A 373 13.35 3.21 -18.80
C LYS A 373 14.30 3.51 -17.65
N GLY A 374 13.79 3.43 -16.43
CA GLY A 374 14.58 3.72 -15.26
C GLY A 374 13.76 4.44 -14.21
N TRP A 375 14.46 5.16 -13.35
CA TRP A 375 13.86 5.84 -12.22
C TRP A 375 13.36 7.23 -12.61
N VAL A 376 12.21 7.61 -12.08
CA VAL A 376 11.64 8.94 -12.30
C VAL A 376 11.26 9.53 -10.96
N PRO A 377 11.25 10.85 -10.81
CA PRO A 377 10.74 11.45 -9.56
C PRO A 377 9.21 11.36 -9.51
N GLN A 378 8.70 10.23 -9.00
CA GLN A 378 7.26 9.96 -9.07
C GLN A 378 6.46 11.00 -8.30
N ALA A 379 6.96 11.45 -7.14
CA ALA A 379 6.23 12.41 -6.33
C ALA A 379 6.06 13.73 -7.06
N LEU A 380 7.10 14.19 -7.75
CA LEU A 380 7.00 15.42 -8.52
C LEU A 380 6.12 15.24 -9.74
N ILE A 381 6.17 14.07 -10.37
CA ILE A 381 5.32 13.81 -11.53
C ILE A 381 3.86 13.85 -11.14
N LEU A 382 3.49 13.16 -10.06
CA LEU A 382 2.09 13.14 -9.63
C LEU A 382 1.60 14.52 -9.18
N ASP A 383 2.51 15.40 -8.74
CA ASP A 383 2.14 16.77 -8.38
C ASP A 383 2.12 17.72 -9.58
N HIS A 384 2.57 17.28 -10.74
CA HIS A 384 2.62 18.17 -11.90
C HIS A 384 1.21 18.39 -12.45
N PRO A 385 0.84 19.62 -12.78
CA PRO A 385 -0.52 19.89 -13.25
C PRO A 385 -0.91 19.18 -14.53
N SER A 386 0.05 18.72 -15.34
CA SER A 386 -0.28 18.06 -16.60
C SER A 386 -0.74 16.62 -16.43
N ILE A 387 -0.50 16.01 -15.27
CA ILE A 387 -0.95 14.64 -15.05
C ILE A 387 -2.43 14.63 -14.74
N GLY A 388 -3.19 13.85 -15.50
CA GLY A 388 -4.63 13.74 -15.28
C GLY A 388 -5.08 12.35 -14.91
N GLY A 389 -4.14 11.42 -14.79
CA GLY A 389 -4.49 10.05 -14.47
C GLY A 389 -3.26 9.25 -14.09
N PHE A 390 -3.50 8.16 -13.36
CA PHE A 390 -2.44 7.30 -12.83
C PHE A 390 -2.85 5.85 -13.04
N LEU A 391 -2.27 5.21 -14.06
CA LEU A 391 -2.48 3.79 -14.30
C LEU A 391 -1.42 3.02 -13.52
N THR A 392 -1.86 2.22 -12.54
CA THR A 392 -0.91 1.50 -11.69
C THR A 392 -1.61 0.31 -11.03
N HIS A 393 -0.85 -0.38 -10.17
CA HIS A 393 -1.21 -1.67 -9.59
C HIS A 393 -2.02 -1.57 -8.31
N CYS A 394 -2.31 -0.38 -7.80
CA CYS A 394 -3.12 -0.16 -6.62
C CYS A 394 -2.44 -0.60 -5.34
N GLY A 395 -1.11 -0.70 -5.32
CA GLY A 395 -0.42 -0.82 -4.05
C GLY A 395 -0.79 0.31 -3.12
N TRP A 396 -0.69 0.05 -1.82
CA TRP A 396 -1.15 1.06 -0.87
C TRP A 396 -0.38 2.37 -1.02
N ASN A 397 0.94 2.27 -1.21
CA ASN A 397 1.73 3.49 -1.31
C ASN A 397 1.37 4.29 -2.55
N ALA A 398 1.20 3.59 -3.68
CA ALA A 398 0.75 4.26 -4.90
C ALA A 398 -0.63 4.89 -4.70
N THR A 399 -1.51 4.20 -3.97
CA THR A 399 -2.84 4.74 -3.71
C THR A 399 -2.77 6.01 -2.86
N VAL A 400 -1.94 5.99 -1.81
CA VAL A 400 -1.80 7.15 -0.93
C VAL A 400 -1.18 8.32 -1.70
N GLU A 401 -0.16 8.05 -2.51
CA GLU A 401 0.46 9.11 -3.30
C GLU A 401 -0.53 9.72 -4.28
N ALA A 402 -1.32 8.87 -4.96
CA ALA A 402 -2.33 9.39 -5.87
C ALA A 402 -3.35 10.25 -5.13
N ILE A 403 -3.82 9.79 -3.98
CA ILE A 403 -4.75 10.58 -3.18
C ILE A 403 -4.11 11.89 -2.76
N SER A 404 -2.89 11.84 -2.23
CA SER A 404 -2.23 13.05 -1.75
C SER A 404 -2.02 14.07 -2.85
N SER A 405 -1.95 13.63 -4.12
CA SER A 405 -1.80 14.52 -5.26
C SER A 405 -3.10 14.80 -5.99
N GLY A 406 -4.20 14.19 -5.56
CA GLY A 406 -5.48 14.43 -6.20
C GLY A 406 -5.60 13.89 -7.61
N VAL A 407 -4.88 12.81 -7.92
CA VAL A 407 -4.81 12.28 -9.28
C VAL A 407 -5.72 11.05 -9.35
N PRO A 408 -6.68 11.01 -10.27
CA PRO A 408 -7.51 9.81 -10.41
C PRO A 408 -6.71 8.63 -10.94
N MET A 409 -7.07 7.44 -10.48
CA MET A 409 -6.33 6.25 -10.87
C MET A 409 -7.05 5.47 -11.95
N VAL A 410 -6.26 4.75 -12.75
CA VAL A 410 -6.75 3.68 -13.60
C VAL A 410 -6.16 2.40 -13.01
N THR A 411 -7.02 1.54 -12.48
CA THR A 411 -6.58 0.47 -11.60
C THR A 411 -6.34 -0.82 -12.36
N MET A 412 -5.18 -1.41 -12.15
CA MET A 412 -4.82 -2.70 -12.74
C MET A 412 -4.07 -3.48 -11.68
N PRO A 413 -4.80 -4.09 -10.74
CA PRO A 413 -4.14 -4.75 -9.61
C PRO A 413 -3.34 -5.98 -10.04
N GLY A 414 -2.23 -6.20 -9.33
CA GLY A 414 -1.28 -7.22 -9.72
C GLY A 414 -1.29 -8.44 -8.82
N PHE A 415 -1.38 -8.23 -7.51
CA PHE A 415 -1.35 -9.35 -6.57
C PHE A 415 -1.87 -8.90 -5.21
N GLY A 416 -2.25 -9.89 -4.40
CA GLY A 416 -2.39 -9.69 -2.97
C GLY A 416 -3.46 -8.68 -2.59
N ASP A 417 -3.10 -7.76 -1.71
CA ASP A 417 -4.04 -6.75 -1.23
C ASP A 417 -4.48 -5.77 -2.32
N GLN A 418 -3.84 -5.80 -3.49
CA GLN A 418 -4.16 -4.79 -4.50
C GLN A 418 -5.56 -4.95 -5.06
N TYR A 419 -6.12 -6.16 -5.03
CA TYR A 419 -7.48 -6.35 -5.52
C TYR A 419 -8.49 -5.69 -4.58
N TYR A 420 -8.17 -5.59 -3.29
CA TYR A 420 -9.07 -4.89 -2.37
C TYR A 420 -8.88 -3.38 -2.45
N ASN A 421 -7.63 -2.92 -2.55
CA ASN A 421 -7.36 -1.50 -2.72
C ASN A 421 -8.07 -0.96 -3.96
N GLU A 422 -8.15 -1.76 -5.02
CA GLU A 422 -8.85 -1.33 -6.22
C GLU A 422 -10.30 -0.97 -5.92
N LYS A 423 -10.99 -1.85 -5.18
CA LYS A 423 -12.42 -1.63 -4.92
C LYS A 423 -12.65 -0.42 -4.05
N LEU A 424 -11.79 -0.20 -3.06
CA LEU A 424 -11.86 1.03 -2.27
C LEU A 424 -11.82 2.25 -3.17
N VAL A 425 -10.96 2.21 -4.20
CA VAL A 425 -10.76 3.35 -5.08
C VAL A 425 -11.91 3.51 -6.08
N THR A 426 -12.35 2.42 -6.70
CA THR A 426 -13.23 2.52 -7.86
C THR A 426 -14.71 2.33 -7.54
N GLU A 427 -15.05 1.52 -6.53
CA GLU A 427 -16.45 1.27 -6.21
C GLU A 427 -16.88 1.96 -4.92
N VAL A 428 -15.98 2.14 -3.96
CA VAL A 428 -16.36 2.85 -2.74
C VAL A 428 -16.31 4.36 -2.95
N HIS A 429 -15.16 4.87 -3.40
CA HIS A 429 -14.94 6.31 -3.46
C HIS A 429 -15.00 6.90 -4.86
N ARG A 430 -14.96 6.07 -5.91
CA ARG A 430 -15.04 6.56 -7.28
C ARG A 430 -13.98 7.63 -7.55
N ILE A 431 -12.78 7.38 -7.03
CA ILE A 431 -11.64 8.23 -7.33
C ILE A 431 -10.72 7.56 -8.33
N GLY A 432 -11.23 6.58 -9.06
CA GLY A 432 -10.47 5.89 -10.08
C GLY A 432 -11.40 5.05 -10.92
N VAL A 433 -10.84 4.50 -11.99
CA VAL A 433 -11.56 3.70 -12.98
C VAL A 433 -10.95 2.32 -13.02
N GLU A 434 -11.80 1.29 -13.07
CA GLU A 434 -11.34 -0.10 -13.01
C GLU A 434 -11.12 -0.62 -14.43
N VAL A 435 -9.90 -1.12 -14.69
CA VAL A 435 -9.62 -1.75 -15.98
C VAL A 435 -10.36 -3.07 -16.10
N GLY A 436 -10.24 -3.92 -15.07
CA GLY A 436 -10.83 -5.24 -15.08
C GLY A 436 -9.79 -6.32 -14.97
N ALA A 437 -9.67 -6.93 -13.79
CA ALA A 437 -8.67 -7.96 -13.59
C ALA A 437 -9.01 -9.22 -14.38
N ALA A 438 -7.97 -9.92 -14.84
CA ALA A 438 -8.14 -11.17 -15.55
C ALA A 438 -7.70 -12.40 -14.77
N GLU A 439 -6.95 -12.21 -13.67
CA GLU A 439 -6.45 -13.31 -12.89
C GLU A 439 -6.22 -12.83 -11.47
N TRP A 440 -6.50 -13.70 -10.50
CA TRP A 440 -6.26 -13.40 -9.09
C TRP A 440 -4.97 -14.09 -8.69
N SER A 441 -3.92 -13.31 -8.45
CA SER A 441 -2.61 -13.84 -8.10
C SER A 441 -2.29 -13.46 -6.66
N MET A 442 -1.83 -14.45 -5.89
CA MET A 442 -1.38 -14.22 -4.53
C MET A 442 0.04 -13.70 -4.43
N SER A 443 0.82 -13.79 -5.52
CA SER A 443 2.24 -13.48 -5.45
C SER A 443 2.68 -12.62 -6.62
N PRO A 444 3.58 -11.65 -6.39
CA PRO A 444 4.09 -10.82 -7.48
C PRO A 444 5.05 -11.55 -8.40
N TYR A 445 5.59 -12.70 -7.98
CA TYR A 445 6.63 -13.38 -8.75
C TYR A 445 6.10 -14.40 -9.73
N ASP A 446 4.91 -14.95 -9.49
CA ASP A 446 4.33 -15.92 -10.40
C ASP A 446 3.96 -15.26 -11.71
N ALA A 447 4.32 -15.89 -12.82
CA ALA A 447 3.89 -15.41 -14.12
C ALA A 447 2.40 -15.65 -14.30
N LYS A 448 1.71 -14.68 -14.90
CA LYS A 448 0.27 -14.76 -15.06
C LYS A 448 -0.06 -15.56 -16.32
N LYS A 449 -0.98 -16.53 -16.18
CA LYS A 449 -1.39 -17.35 -17.31
C LYS A 449 -2.36 -16.62 -18.23
N THR A 450 -2.96 -15.53 -17.79
CA THR A 450 -3.84 -14.71 -18.60
C THR A 450 -3.25 -13.31 -18.72
N VAL A 451 -3.85 -12.52 -19.61
CA VAL A 451 -3.41 -11.16 -19.85
C VAL A 451 -4.62 -10.25 -19.87
N VAL A 452 -4.43 -9.01 -19.42
CA VAL A 452 -5.45 -7.97 -19.55
C VAL A 452 -5.40 -7.44 -20.97
N ARG A 453 -6.49 -7.61 -21.71
CA ARG A 453 -6.48 -7.32 -23.14
C ARG A 453 -6.50 -5.81 -23.38
N ALA A 454 -6.07 -5.43 -24.58
CA ALA A 454 -5.83 -4.03 -24.90
C ALA A 454 -7.11 -3.20 -24.89
N GLU A 455 -8.22 -3.78 -25.36
CA GLU A 455 -9.46 -3.02 -25.38
C GLU A 455 -9.89 -2.59 -23.98
N ARG A 456 -9.68 -3.47 -22.99
CA ARG A 456 -10.05 -3.13 -21.63
C ARG A 456 -9.20 -1.98 -21.10
N ILE A 457 -7.90 -1.99 -21.42
CA ILE A 457 -7.04 -0.87 -21.05
C ILE A 457 -7.45 0.38 -21.80
N GLU A 458 -7.75 0.25 -23.08
CA GLU A 458 -8.13 1.41 -23.88
C GLU A 458 -9.46 1.99 -23.39
N LYS A 459 -10.43 1.13 -23.07
CA LYS A 459 -11.72 1.62 -22.62
C LYS A 459 -11.63 2.34 -21.28
N ALA A 460 -10.85 1.78 -20.34
CA ALA A 460 -10.71 2.41 -19.03
C ALA A 460 -10.02 3.76 -19.11
N VAL A 461 -8.96 3.86 -19.91
CA VAL A 461 -8.27 5.14 -20.08
C VAL A 461 -9.22 6.16 -20.70
N LYS A 462 -9.93 5.77 -21.76
CA LYS A 462 -10.90 6.67 -22.38
C LYS A 462 -11.97 7.08 -21.39
N LYS A 463 -12.43 6.14 -20.55
CA LYS A 463 -13.46 6.46 -19.57
C LYS A 463 -12.99 7.54 -18.60
N LEU A 464 -11.72 7.50 -18.20
CA LEU A 464 -11.23 8.52 -17.29
C LEU A 464 -10.85 9.81 -18.03
N MET A 465 -10.08 9.68 -19.12
CA MET A 465 -9.41 10.84 -19.70
C MET A 465 -10.33 11.67 -20.60
N ASP A 466 -11.34 11.04 -21.23
CA ASP A 466 -12.27 11.80 -22.06
C ASP A 466 -13.05 12.80 -21.21
N SER A 467 -13.38 13.94 -21.81
CA SER A 467 -13.96 15.04 -21.07
C SER A 467 -15.46 14.84 -20.84
N ASN A 468 -16.21 14.58 -21.91
CA ASN A 468 -17.67 14.47 -21.82
C ASN A 468 -18.03 13.05 -21.41
N GLY A 469 -18.08 12.82 -20.10
CA GLY A 469 -18.45 11.51 -19.59
C GLY A 469 -18.33 11.36 -18.09
N GLU A 470 -17.86 10.18 -17.67
CA GLU A 470 -17.74 9.86 -16.26
C GLU A 470 -16.47 10.42 -15.63
N GLY A 471 -15.46 10.72 -16.45
CA GLY A 471 -14.16 11.09 -15.90
C GLY A 471 -14.16 12.43 -15.19
N GLY A 472 -15.06 13.34 -15.58
CA GLY A 472 -15.16 14.60 -14.86
C GLY A 472 -15.52 14.42 -13.40
N GLU A 473 -16.50 13.56 -13.12
CA GLU A 473 -16.86 13.28 -11.73
C GLU A 473 -15.70 12.66 -10.98
N ILE A 474 -15.09 11.64 -11.57
CA ILE A 474 -14.00 10.93 -10.90
C ILE A 474 -12.82 11.87 -10.66
N ARG A 475 -12.51 12.71 -11.64
CA ARG A 475 -11.44 13.69 -11.45
C ARG A 475 -11.78 14.64 -10.31
N LYS A 476 -13.04 15.09 -10.23
CA LYS A 476 -13.42 15.99 -9.15
C LYS A 476 -13.40 15.29 -7.80
N ARG A 477 -13.90 14.05 -7.73
CA ARG A 477 -13.86 13.28 -6.49
C ARG A 477 -12.42 13.06 -6.03
N ALA A 478 -11.50 12.83 -6.98
CA ALA A 478 -10.10 12.63 -6.62
C ALA A 478 -9.49 13.87 -6.01
N LYS A 479 -9.79 15.04 -6.57
CA LYS A 479 -9.32 16.30 -6.00
C LYS A 479 -9.90 16.54 -4.62
N GLU A 480 -11.16 16.14 -4.41
CA GLU A 480 -11.78 16.36 -3.10
C GLU A 480 -11.21 15.41 -2.06
N MET A 481 -10.89 14.17 -2.46
CA MET A 481 -10.26 13.24 -1.52
C MET A 481 -8.87 13.73 -1.12
N LYS A 482 -8.17 14.39 -2.04
CA LYS A 482 -6.89 15.01 -1.70
C LYS A 482 -7.07 15.99 -0.54
N GLU A 483 -8.09 16.85 -0.63
CA GLU A 483 -8.35 17.81 0.45
C GLU A 483 -8.73 17.10 1.74
N LYS A 484 -9.53 16.03 1.64
CA LYS A 484 -9.93 15.31 2.84
C LYS A 484 -8.73 14.61 3.48
N ALA A 485 -7.79 14.12 2.67
CA ALA A 485 -6.63 13.43 3.21
C ALA A 485 -5.69 14.40 3.92
N TRP A 486 -5.44 15.57 3.32
CA TRP A 486 -4.53 16.52 3.96
C TRP A 486 -5.18 17.16 5.18
N LYS A 487 -6.49 17.41 5.12
CA LYS A 487 -7.20 17.92 6.29
C LYS A 487 -7.09 16.94 7.46
N ALA A 488 -7.23 15.64 7.20
CA ALA A 488 -7.19 14.65 8.27
C ALA A 488 -5.85 14.63 8.99
N VAL A 489 -4.76 14.96 8.28
CA VAL A 489 -3.43 14.92 8.88
C VAL A 489 -2.93 16.28 9.30
N GLN A 490 -3.68 17.35 9.01
CA GLN A 490 -3.29 18.69 9.42
C GLN A 490 -3.79 18.97 10.83
N GLU A 491 -3.42 20.13 11.36
CA GLU A 491 -3.83 20.52 12.70
C GLU A 491 -5.35 20.47 12.84
N GLY A 492 -5.82 19.68 13.80
CA GLY A 492 -7.24 19.53 14.03
C GLY A 492 -7.94 18.49 13.19
N GLY A 493 -7.22 17.78 12.34
CA GLY A 493 -7.83 16.74 11.53
C GLY A 493 -8.08 15.45 12.30
N SER A 494 -8.91 14.60 11.70
CA SER A 494 -9.33 13.36 12.37
C SER A 494 -8.14 12.52 12.82
N SER A 495 -7.10 12.41 11.99
CA SER A 495 -6.00 11.52 12.34
C SER A 495 -5.08 12.15 13.38
N GLN A 496 -4.92 13.48 13.35
CA GLN A 496 -4.17 14.15 14.40
C GLN A 496 -4.88 14.08 15.73
N ASN A 497 -6.20 14.31 15.74
CA ASN A 497 -6.96 14.17 16.98
C ASN A 497 -6.88 12.74 17.50
N CYS A 498 -7.02 11.75 16.62
CA CYS A 498 -7.01 10.37 17.06
C CYS A 498 -5.64 9.97 17.58
N LEU A 499 -4.57 10.47 16.96
CA LEU A 499 -3.23 10.19 17.47
C LEU A 499 -3.04 10.74 18.88
N THR A 500 -3.56 11.94 19.13
CA THR A 500 -3.49 12.51 20.48
C THR A 500 -4.28 11.67 21.47
N LYS A 501 -5.50 11.28 21.11
CA LYS A 501 -6.32 10.45 22.00
C LYS A 501 -5.66 9.09 22.25
N LEU A 502 -5.01 8.51 21.23
CA LEU A 502 -4.32 7.24 21.40
C LEU A 502 -3.24 7.34 22.47
N VAL A 503 -2.37 8.35 22.36
CA VAL A 503 -1.28 8.50 23.31
C VAL A 503 -1.83 8.78 24.70
N ASP A 504 -2.87 9.60 24.80
CA ASP A 504 -3.52 9.83 26.10
C ASP A 504 -4.08 8.53 26.66
N TYR A 505 -4.74 7.73 25.82
CA TYR A 505 -5.28 6.46 26.29
C TYR A 505 -4.18 5.53 26.78
N LEU A 506 -3.05 5.49 26.05
CA LEU A 506 -1.93 4.67 26.49
C LEU A 506 -1.39 5.12 27.84
N HIS A 507 -1.37 6.43 28.07
CA HIS A 507 -0.93 6.94 29.38
C HIS A 507 -1.80 6.41 30.49
N SER A 508 -3.13 6.46 30.32
CA SER A 508 -4.03 5.95 31.35
C SER A 508 -3.96 4.44 31.49
N VAL A 509 -3.54 3.73 30.44
CA VAL A 509 -3.39 2.28 30.54
C VAL A 509 -2.15 1.92 31.34
N VAL A 510 -1.06 2.67 31.17
CA VAL A 510 0.15 2.46 31.93
C VAL A 510 -0.03 2.94 33.37
CL CL B . 1.32 5.98 4.48
S SO4 C . 20.81 -1.36 22.31
O1 SO4 C . 20.22 -1.75 21.03
O2 SO4 C . 21.72 -0.25 22.11
O3 SO4 C . 19.74 -0.97 23.25
O4 SO4 C . 21.54 -2.50 22.88
S SO4 D . -26.82 -6.69 0.59
O1 SO4 D . -27.91 -5.79 0.25
O2 SO4 D . -25.55 -6.14 0.09
O3 SO4 D . -26.74 -6.84 2.04
O4 SO4 D . -27.04 -8.00 -0.02
S SO4 E . 21.58 5.79 20.61
O1 SO4 E . 22.60 6.72 20.13
O2 SO4 E . 21.17 4.91 19.51
O3 SO4 E . 22.14 4.97 21.70
O4 SO4 E . 20.43 6.53 21.10
CL CL F . 1.70 -9.52 -16.26
CL CL G . -12.61 14.13 14.80
S SO4 H . -6.08 -7.90 20.66
O1 SO4 H . -7.37 -8.56 20.46
O2 SO4 H . -6.01 -6.66 19.89
O3 SO4 H . -5.87 -7.62 22.07
O4 SO4 H . -5.01 -8.79 20.19
N1 UDP I . 9.46 5.41 -7.10
C2 UDP I . 10.04 6.52 -7.66
N3 UDP I . 10.46 6.35 -8.96
C4 UDP I . 10.35 5.21 -9.72
C5 UDP I . 9.73 4.11 -9.07
C6 UDP I . 9.32 4.24 -7.80
O2 UDP I . 10.18 7.57 -7.07
O4 UDP I . 10.78 5.23 -10.88
C1' UDP I . 9.00 5.54 -5.71
C2' UDP I . 7.51 5.90 -5.61
O2' UDP I . 7.37 7.30 -5.52
C3' UDP I . 7.13 5.21 -4.31
C4' UDP I . 7.95 3.91 -4.38
O4' UDP I . 9.16 4.29 -5.06
O3' UDP I . 7.49 6.00 -3.18
C5' UDP I . 7.29 2.76 -5.08
O5' UDP I . 8.29 1.76 -5.44
PA UDP I . 7.78 0.46 -6.23
O1A UDP I . 6.67 0.85 -7.16
O2A UDP I . 8.94 -0.29 -6.77
O3A UDP I . 7.13 -0.39 -5.04
PB UDP I . 5.94 -1.48 -5.07
O1B UDP I . 4.67 -0.70 -4.89
O2B UDP I . 6.04 -2.14 -6.42
O3B UDP I . 6.21 -2.43 -3.94
#